data_7F0Z
#
_entry.id   7F0Z
#
_cell.length_a   45.769
_cell.length_b   52.150
_cell.length_c   61.525
_cell.angle_alpha   90.000
_cell.angle_beta   94.815
_cell.angle_gamma   90.000
#
_symmetry.space_group_name_H-M   'P 1 21 1'
#
loop_
_entity.id
_entity.type
_entity.pdbx_description
1 polymer NsrQ
2 water water
#
_entity_poly.entity_id   1
_entity_poly.type   'polypeptide(L)'
_entity_poly.pdbx_seq_one_letter_code
;MGSSHHHHHHSSGLVPRGSHMPAPAEVQAATLEKFIQGWAGWTPDGFLANASEDCTQKTLPFSSGVPLRTRADTEKLFPV
LMSLMSNFTLDIHNVVHDAPQGKAVIYALTKADTPFGPYRNEHAIFLWFNEIGDRVQKIEEMFDAVVMQEFLPKLDKYVA
DNKMQLGAKFS
;
_entity_poly.pdbx_strand_id   A,B
#
# COMPACT_ATOMS: atom_id res chain seq x y z
N ALA A 23 17.80 -4.51 16.79
CA ALA A 23 17.08 -5.70 17.25
C ALA A 23 17.35 -6.91 16.36
N PRO A 24 17.47 -8.08 16.97
CA PRO A 24 17.72 -9.29 16.17
C PRO A 24 16.56 -9.57 15.22
N ALA A 25 16.91 -9.94 13.97
CA ALA A 25 15.91 -10.33 12.98
C ALA A 25 14.95 -11.38 13.52
N GLU A 26 15.44 -12.28 14.35
CA GLU A 26 14.60 -13.37 14.81
C GLU A 26 13.62 -12.93 15.89
N VAL A 27 13.98 -11.98 16.75
CA VAL A 27 13.02 -11.47 17.73
C VAL A 27 11.99 -10.56 17.05
N GLN A 28 12.42 -9.74 16.09
CA GLN A 28 11.47 -8.99 15.28
C GLN A 28 10.50 -9.92 14.57
N ALA A 29 11.03 -10.99 13.97
CA ALA A 29 10.18 -11.92 13.23
C ALA A 29 9.15 -12.55 14.14
N ALA A 30 9.52 -12.82 15.39
CA ALA A 30 8.56 -13.34 16.36
C ALA A 30 7.42 -12.35 16.57
N THR A 31 7.77 -11.07 16.73
CA THR A 31 6.76 -10.03 16.93
C THR A 31 5.84 -9.94 15.71
N LEU A 32 6.43 -9.93 14.52
CA LEU A 32 5.67 -9.93 13.27
C LEU A 32 4.67 -11.09 13.23
N GLU A 33 5.15 -12.30 13.54
CA GLU A 33 4.30 -13.48 13.51
C GLU A 33 3.19 -13.40 14.56
N LYS A 34 3.50 -12.90 15.76
CA LYS A 34 2.46 -12.81 16.78
C LYS A 34 1.45 -11.72 16.44
N PHE A 35 1.88 -10.64 15.79
CA PHE A 35 0.93 -9.60 15.36
C PHE A 35 -0.06 -10.14 14.33
N ILE A 36 0.45 -10.92 13.37
CA ILE A 36 -0.40 -11.52 12.35
C ILE A 36 -1.35 -12.55 12.97
N GLN A 37 -0.83 -13.42 13.84
CA GLN A 37 -1.68 -14.40 14.51
C GLN A 37 -2.75 -13.72 15.32
N GLY A 38 -2.42 -12.59 15.97
CA GLY A 38 -3.40 -11.88 16.77
C GLY A 38 -4.49 -11.27 15.90
N TRP A 39 -4.11 -10.72 14.76
CA TRP A 39 -5.08 -10.17 13.83
C TRP A 39 -6.01 -11.27 13.30
N ALA A 40 -5.45 -12.43 12.96
CA ALA A 40 -6.26 -13.53 12.46
C ALA A 40 -7.19 -14.12 13.52
N GLY A 41 -6.94 -13.88 14.81
CA GLY A 41 -7.73 -14.51 15.85
C GLY A 41 -8.98 -13.75 16.23
N TRP A 42 -8.95 -12.42 16.01
CA TRP A 42 -10.08 -11.54 16.29
C TRP A 42 -10.60 -11.66 17.72
N GLY A 46 -3.96 -11.08 21.44
CA GLY A 46 -4.49 -10.73 20.14
C GLY A 46 -3.68 -9.67 19.42
N PHE A 47 -4.38 -8.85 18.63
CA PHE A 47 -3.79 -7.72 17.90
C PHE A 47 -2.86 -6.90 18.78
N LEU A 48 -3.39 -6.43 19.91
CA LEU A 48 -2.78 -5.37 20.73
C LEU A 48 -1.85 -5.89 21.81
N ALA A 49 -1.75 -7.20 22.02
CA ALA A 49 -0.79 -7.69 22.98
C ALA A 49 0.64 -7.32 22.58
N ASN A 50 0.92 -7.30 21.27
CA ASN A 50 2.27 -7.12 20.76
C ASN A 50 2.61 -5.67 20.44
N ALA A 51 1.73 -4.73 20.77
CA ALA A 51 1.98 -3.32 20.56
C ALA A 51 2.43 -2.68 21.86
N SER A 52 3.37 -1.75 21.76
CA SER A 52 3.80 -1.04 22.96
C SER A 52 2.70 -0.08 23.42
N GLU A 53 2.89 0.46 24.63
CA GLU A 53 1.87 1.30 25.25
C GLU A 53 1.69 2.63 24.53
N ASP A 54 2.72 3.11 23.86
CA ASP A 54 2.67 4.37 23.11
C ASP A 54 2.50 4.17 21.60
N CYS A 55 2.06 2.98 21.17
CA CYS A 55 1.87 2.72 19.75
C CYS A 55 0.80 3.65 19.17
N THR A 56 1.03 4.11 17.94
CA THR A 56 0.03 4.89 17.23
C THR A 56 -0.32 4.20 15.93
N GLN A 57 -1.53 4.48 15.43
CA GLN A 57 -1.98 3.99 14.14
C GLN A 57 -2.32 5.17 13.23
N LYS A 58 -1.81 5.14 12.01
CA LYS A 58 -2.08 6.19 11.02
C LYS A 58 -2.85 5.58 9.86
N THR A 59 -3.95 6.24 9.48
CA THR A 59 -4.67 5.90 8.26
C THR A 59 -4.02 6.62 7.08
N LEU A 60 -3.44 5.84 6.15
CA LEU A 60 -3.01 6.38 4.86
C LEU A 60 -4.17 6.34 3.87
N PRO A 61 -4.19 7.22 2.87
CA PRO A 61 -3.14 8.19 2.55
C PRO A 61 -3.18 9.41 3.47
N PHE A 62 -2.07 10.15 3.48
CA PHE A 62 -2.04 11.38 4.27
C PHE A 62 -3.11 12.35 3.81
N SER A 63 -3.44 12.34 2.52
CA SER A 63 -4.49 13.24 2.02
C SER A 63 -5.83 13.00 2.69
N SER A 64 -6.04 11.82 3.27
CA SER A 64 -7.31 11.58 3.96
C SER A 64 -7.45 12.43 5.23
N GLY A 65 -6.36 12.94 5.77
CA GLY A 65 -6.43 13.85 6.90
C GLY A 65 -6.94 13.27 8.20
N VAL A 66 -6.65 12.01 8.48
CA VAL A 66 -7.12 11.35 9.70
C VAL A 66 -6.04 11.46 10.77
N PRO A 67 -6.33 12.04 11.94
CA PRO A 67 -5.32 12.09 12.99
C PRO A 67 -4.91 10.70 13.45
N LEU A 68 -3.67 10.60 13.96
CA LEU A 68 -3.20 9.35 14.54
C LEU A 68 -4.16 8.83 15.60
N ARG A 69 -4.30 7.51 15.65
CA ARG A 69 -5.07 6.87 16.72
C ARG A 69 -4.12 6.45 17.82
N THR A 70 -4.43 6.84 19.06
CA THR A 70 -3.66 6.36 20.19
C THR A 70 -4.02 4.92 20.52
N ARG A 71 -3.23 4.32 21.42
CA ARG A 71 -3.61 3.03 21.99
C ARG A 71 -5.00 3.10 22.63
N ALA A 72 -5.28 4.17 23.36
CA ALA A 72 -6.60 4.32 23.96
C ALA A 72 -7.70 4.34 22.91
N ASP A 73 -7.49 5.12 21.83
CA ASP A 73 -8.44 5.11 20.71
C ASP A 73 -8.68 3.69 20.18
N THR A 74 -7.61 2.93 19.99
CA THR A 74 -7.75 1.62 19.37
C THR A 74 -8.55 0.69 20.26
N GLU A 75 -8.36 0.79 21.57
CA GLU A 75 -9.10 -0.07 22.50
C GLU A 75 -10.59 0.27 22.56
N LYS A 76 -11.01 1.48 22.15
CA LYS A 76 -12.43 1.76 22.04
C LYS A 76 -13.02 1.34 20.69
N LEU A 77 -12.27 1.51 19.60
CA LEU A 77 -12.83 1.20 18.28
C LEU A 77 -12.96 -0.30 18.07
N PHE A 78 -12.00 -1.08 18.55
CA PHE A 78 -11.93 -2.50 18.23
C PHE A 78 -13.13 -3.31 18.74
N PRO A 79 -13.59 -3.16 19.99
CA PRO A 79 -14.84 -3.83 20.38
C PRO A 79 -16.02 -3.53 19.47
N VAL A 80 -16.15 -2.31 18.98
CA VAL A 80 -17.27 -1.99 18.09
C VAL A 80 -17.15 -2.76 16.80
N LEU A 81 -15.94 -2.79 16.22
CA LEU A 81 -15.70 -3.55 15.00
C LEU A 81 -15.97 -5.04 15.22
N MET A 82 -15.30 -5.64 16.22
CA MET A 82 -15.52 -7.05 16.54
C MET A 82 -16.99 -7.33 16.74
N SER A 83 -17.70 -6.44 17.42
CA SER A 83 -19.10 -6.70 17.70
C SER A 83 -19.93 -6.76 16.42
N LEU A 84 -19.47 -6.12 15.35
CA LEU A 84 -20.21 -6.08 14.10
C LEU A 84 -19.71 -7.08 13.06
N MET A 85 -18.56 -7.72 13.27
CA MET A 85 -17.97 -8.54 12.23
C MET A 85 -17.78 -9.97 12.74
N SER A 86 -18.49 -10.91 12.12
CA SER A 86 -18.41 -12.32 12.45
C SER A 86 -17.78 -13.10 11.30
N ASN A 87 -17.29 -14.29 11.65
CA ASN A 87 -16.55 -15.15 10.73
C ASN A 87 -15.36 -14.41 10.12
N PHE A 88 -14.67 -13.61 10.94
CA PHE A 88 -13.57 -12.78 10.42
C PHE A 88 -12.45 -13.65 9.86
N THR A 89 -12.05 -13.38 8.62
CA THR A 89 -11.06 -14.21 7.93
C THR A 89 -9.92 -13.32 7.42
N LEU A 90 -8.68 -13.74 7.68
CA LEU A 90 -7.51 -12.98 7.25
C LEU A 90 -6.66 -13.82 6.30
N ASP A 91 -6.35 -13.25 5.14
CA ASP A 91 -5.54 -13.91 4.11
C ASP A 91 -4.29 -13.05 3.91
N ILE A 92 -3.13 -13.58 4.31
CA ILE A 92 -1.87 -12.86 4.14
C ILE A 92 -1.37 -13.08 2.72
N HIS A 93 -1.20 -11.99 1.97
CA HIS A 93 -0.74 -12.06 0.58
C HIS A 93 0.77 -11.86 0.44
N ASN A 94 1.36 -10.98 1.25
CA ASN A 94 2.76 -10.60 1.10
C ASN A 94 3.26 -10.04 2.43
N VAL A 95 4.47 -10.45 2.82
CA VAL A 95 5.11 -9.98 4.03
C VAL A 95 6.53 -9.60 3.67
N VAL A 96 6.90 -8.34 3.93
CA VAL A 96 8.23 -7.81 3.61
C VAL A 96 8.86 -7.31 4.91
N HIS A 97 10.03 -7.86 5.26
CA HIS A 97 10.64 -7.63 6.55
C HIS A 97 12.06 -7.07 6.39
N ASP A 98 12.26 -5.84 6.86
CA ASP A 98 13.55 -5.16 6.84
C ASP A 98 14.09 -5.17 8.27
N ALA A 99 14.81 -6.23 8.61
CA ALA A 99 15.31 -6.40 9.97
C ALA A 99 16.38 -5.37 10.32
N PRO A 100 17.31 -5.03 9.42
CA PRO A 100 18.25 -3.94 9.74
C PRO A 100 17.58 -2.63 10.09
N GLN A 101 16.44 -2.28 9.48
CA GLN A 101 15.74 -1.06 9.86
C GLN A 101 14.67 -1.28 10.93
N GLY A 102 14.45 -2.52 11.36
CA GLY A 102 13.34 -2.78 12.28
C GLY A 102 11.99 -2.38 11.73
N LYS A 103 11.72 -2.68 10.46
CA LYS A 103 10.47 -2.33 9.80
C LYS A 103 9.91 -3.56 9.09
N ALA A 104 8.59 -3.55 8.85
CA ALA A 104 7.97 -4.57 8.04
C ALA A 104 6.75 -3.98 7.32
N VAL A 105 6.31 -4.69 6.27
CA VAL A 105 5.05 -4.41 5.60
C VAL A 105 4.30 -5.71 5.35
N ILE A 106 2.99 -5.67 5.49
CA ILE A 106 2.10 -6.79 5.19
C ILE A 106 1.06 -6.29 4.20
N TYR A 107 0.80 -7.07 3.17
CA TYR A 107 -0.42 -6.89 2.37
C TYR A 107 -1.35 -8.05 2.71
N ALA A 108 -2.56 -7.73 3.11
CA ALA A 108 -3.51 -8.72 3.56
C ALA A 108 -4.89 -8.39 3.00
N LEU A 109 -5.74 -9.41 2.98
CA LEU A 109 -7.11 -9.31 2.56
C LEU A 109 -7.99 -9.84 3.69
N THR A 110 -9.06 -9.13 4.01
CA THR A 110 -9.95 -9.59 5.05
C THR A 110 -11.37 -9.68 4.51
N LYS A 111 -12.16 -10.48 5.20
CA LYS A 111 -13.57 -10.61 4.92
C LYS A 111 -14.26 -10.94 6.23
N ALA A 112 -15.56 -10.66 6.29
CA ALA A 112 -16.35 -10.95 7.48
C ALA A 112 -17.83 -10.79 7.10
N ASP A 113 -18.70 -11.30 7.96
CA ASP A 113 -20.12 -11.01 7.87
C ASP A 113 -20.46 -9.90 8.86
N THR A 114 -21.30 -8.97 8.41
CA THR A 114 -21.75 -7.85 9.23
C THR A 114 -23.24 -7.66 9.00
N PRO A 115 -23.92 -6.95 9.92
CA PRO A 115 -25.35 -6.63 9.65
C PRO A 115 -25.56 -5.68 8.48
N PHE A 116 -24.53 -5.03 7.97
CA PHE A 116 -24.66 -4.23 6.74
C PHE A 116 -24.38 -5.06 5.48
N GLY A 117 -24.09 -6.34 5.63
CA GLY A 117 -23.78 -7.18 4.49
C GLY A 117 -22.36 -7.69 4.52
N PRO A 118 -21.97 -8.41 3.47
CA PRO A 118 -20.60 -8.93 3.43
C PRO A 118 -19.59 -7.79 3.43
N TYR A 119 -18.51 -8.00 4.18
CA TYR A 119 -17.44 -7.03 4.34
C TYR A 119 -16.18 -7.59 3.74
N ARG A 120 -15.47 -6.76 2.96
CA ARG A 120 -14.24 -7.13 2.31
C ARG A 120 -13.32 -5.91 2.39
N ASN A 121 -12.05 -6.16 2.65
CA ASN A 121 -11.08 -5.08 2.77
C ASN A 121 -9.71 -5.64 2.44
N GLU A 122 -8.81 -4.74 2.05
CA GLU A 122 -7.42 -5.06 1.82
C GLU A 122 -6.55 -4.00 2.50
N HIS A 123 -5.37 -4.41 2.97
CA HIS A 123 -4.56 -3.57 3.82
C HIS A 123 -3.11 -3.64 3.39
N ALA A 124 -2.46 -2.50 3.21
CA ALA A 124 -1.00 -2.47 3.20
C ALA A 124 -0.59 -1.80 4.49
N ILE A 125 -0.08 -2.59 5.41
CA ILE A 125 0.21 -2.14 6.76
C ILE A 125 1.70 -2.09 6.94
N PHE A 126 2.18 -0.90 7.27
CA PHE A 126 3.59 -0.63 7.52
C PHE A 126 3.79 -0.69 9.02
N LEU A 127 4.76 -1.49 9.46
CA LEU A 127 5.03 -1.69 10.88
C LEU A 127 6.45 -1.26 11.20
N TRP A 128 6.62 -0.67 12.39
CA TRP A 128 7.93 -0.39 12.98
C TRP A 128 7.99 -1.13 14.31
N PHE A 129 9.10 -1.81 14.57
CA PHE A 129 9.25 -2.47 15.87
C PHE A 129 10.00 -1.55 16.84
N ASN A 130 9.87 -1.85 18.13
CA ASN A 130 10.53 -1.04 19.14
C ASN A 130 12.02 -1.35 19.17
N GLU A 131 12.72 -0.69 20.09
CA GLU A 131 14.18 -0.82 20.15
C GLU A 131 14.59 -2.27 20.33
N ILE A 132 13.97 -2.97 21.27
CA ILE A 132 14.35 -4.34 21.56
C ILE A 132 13.92 -5.27 20.44
N GLY A 133 12.85 -4.92 19.72
CA GLY A 133 12.32 -5.76 18.67
C GLY A 133 11.13 -6.61 19.05
N ASP A 134 10.68 -6.56 20.30
CA ASP A 134 9.62 -7.44 20.76
C ASP A 134 8.24 -6.78 20.78
N ARG A 135 8.11 -5.55 20.29
CA ARG A 135 6.82 -4.89 20.22
C ARG A 135 6.71 -4.11 18.91
N VAL A 136 5.46 -3.94 18.46
CA VAL A 136 5.14 -3.03 17.37
C VAL A 136 4.99 -1.62 17.97
N GLN A 137 5.86 -0.71 17.57
CA GLN A 137 5.80 0.66 18.12
C GLN A 137 4.93 1.60 17.29
N LYS A 138 4.75 1.33 16.01
CA LYS A 138 4.07 2.26 15.11
C LYS A 138 3.43 1.48 13.98
N ILE A 139 2.26 1.94 13.54
CA ILE A 139 1.51 1.35 12.44
C ILE A 139 1.07 2.47 11.49
N GLU A 140 1.24 2.24 10.20
CA GLU A 140 0.65 3.08 9.16
C GLU A 140 -0.05 2.16 8.16
N GLU A 141 -1.31 2.45 7.84
CA GLU A 141 -2.16 1.49 7.15
C GLU A 141 -2.94 2.15 6.03
N MET A 142 -2.80 1.62 4.82
CA MET A 142 -3.62 2.00 3.68
C MET A 142 -4.67 0.93 3.42
N PHE A 143 -5.93 1.34 3.40
CA PHE A 143 -7.06 0.45 3.24
C PHE A 143 -7.54 0.45 1.78
N ASP A 144 -8.53 -0.41 1.52
CA ASP A 144 -9.34 -0.35 0.31
C ASP A 144 -10.27 0.86 0.39
N ALA A 145 -9.80 2.03 -0.04
CA ALA A 145 -10.52 3.27 0.22
C ALA A 145 -11.92 3.29 -0.37
N VAL A 146 -12.12 2.60 -1.50
CA VAL A 146 -13.43 2.63 -2.14
C VAL A 146 -14.45 1.88 -1.29
N VAL A 147 -14.05 0.75 -0.71
CA VAL A 147 -14.90 0.01 0.22
C VAL A 147 -15.13 0.80 1.49
N MET A 148 -14.10 1.45 2.00
CA MET A 148 -14.19 2.15 3.27
C MET A 148 -15.17 3.32 3.22
N GLN A 149 -15.22 4.03 2.10
CA GLN A 149 -16.14 5.16 2.04
C GLN A 149 -17.60 4.71 2.03
N GLU A 150 -17.84 3.45 1.66
CA GLU A 150 -19.14 2.83 1.85
C GLU A 150 -19.33 2.32 3.28
N PHE A 151 -18.31 1.64 3.81
CA PHE A 151 -18.46 0.96 5.09
C PHE A 151 -18.35 1.91 6.27
N LEU A 152 -17.28 2.68 6.33
CA LEU A 152 -17.00 3.51 7.51
C LEU A 152 -18.12 4.46 7.91
N PRO A 153 -18.80 5.19 6.99
CA PRO A 153 -19.92 6.00 7.45
C PRO A 153 -21.06 5.18 8.01
N LYS A 154 -21.25 3.94 7.54
CA LYS A 154 -22.26 3.07 8.12
C LYS A 154 -21.98 2.81 9.59
N LEU A 155 -20.70 2.59 9.93
CA LEU A 155 -20.33 2.42 11.34
C LEU A 155 -20.65 3.66 12.14
N ASP A 156 -20.30 4.84 11.60
CA ASP A 156 -20.58 6.09 12.31
C ASP A 156 -22.08 6.30 12.48
N LYS A 157 -22.87 5.97 11.46
CA LYS A 157 -24.32 5.99 11.60
C LYS A 157 -24.79 5.02 12.68
N TYR A 158 -24.22 3.81 12.71
CA TYR A 158 -24.60 2.82 13.70
C TYR A 158 -24.36 3.35 15.10
N VAL A 159 -23.27 4.09 15.30
CA VAL A 159 -22.92 4.57 16.63
C VAL A 159 -23.83 5.73 17.04
N ALA A 160 -24.16 6.60 16.07
CA ALA A 160 -25.04 7.72 16.36
C ALA A 160 -26.46 7.24 16.64
N ASP A 161 -27.00 6.36 15.79
CA ASP A 161 -28.35 5.85 15.99
C ASP A 161 -28.51 5.16 17.34
N ASN A 162 -27.46 4.53 17.85
CA ASN A 162 -27.51 3.82 19.13
C ASN A 162 -26.92 4.62 20.29
N LYS A 163 -26.41 5.83 20.03
CA LYS A 163 -25.88 6.76 21.03
C LYS A 163 -24.77 6.16 21.90
N MET A 164 -23.69 5.71 21.28
CA MET A 164 -22.53 5.34 22.11
C MET A 164 -21.50 6.44 22.31
N ALA B 23 20.11 -13.11 -4.63
CA ALA B 23 20.83 -11.88 -4.98
C ALA B 23 21.41 -11.21 -3.75
N PRO B 24 22.62 -10.66 -3.88
CA PRO B 24 23.23 -9.97 -2.73
C PRO B 24 22.47 -8.70 -2.39
N ALA B 25 22.42 -8.39 -1.08
CA ALA B 25 21.73 -7.19 -0.62
C ALA B 25 22.26 -5.93 -1.31
N GLU B 26 23.57 -5.82 -1.44
CA GLU B 26 24.15 -4.64 -2.09
C GLU B 26 23.63 -4.46 -3.50
N VAL B 27 23.54 -5.55 -4.27
CA VAL B 27 23.01 -5.45 -5.63
C VAL B 27 21.55 -4.99 -5.59
N GLN B 28 20.74 -5.61 -4.72
CA GLN B 28 19.34 -5.22 -4.59
C GLN B 28 19.20 -3.75 -4.21
N ALA B 29 19.95 -3.32 -3.20
CA ALA B 29 19.86 -1.94 -2.75
C ALA B 29 20.22 -0.97 -3.87
N ALA B 30 21.22 -1.31 -4.67
CA ALA B 30 21.58 -0.45 -5.80
C ALA B 30 20.42 -0.32 -6.78
N THR B 31 19.80 -1.45 -7.12
CA THR B 31 18.64 -1.42 -8.02
C THR B 31 17.52 -0.57 -7.42
N LEU B 32 17.33 -0.69 -6.10
CA LEU B 32 16.29 0.05 -5.42
C LEU B 32 16.51 1.55 -5.54
N GLU B 33 17.72 2.01 -5.21
CA GLU B 33 17.99 3.45 -5.32
C GLU B 33 17.90 3.91 -6.76
N LYS B 34 18.31 3.07 -7.72
CA LYS B 34 18.18 3.44 -9.12
C LYS B 34 16.71 3.54 -9.53
N PHE B 35 15.88 2.64 -9.01
CA PHE B 35 14.45 2.70 -9.30
C PHE B 35 13.87 4.03 -8.82
N ILE B 36 14.20 4.41 -7.59
CA ILE B 36 13.71 5.66 -7.02
C ILE B 36 14.23 6.84 -7.84
N GLN B 37 15.53 6.87 -8.09
CA GLN B 37 16.11 7.96 -8.88
C GLN B 37 15.42 8.07 -10.23
N GLY B 38 15.19 6.94 -10.91
CA GLY B 38 14.55 6.99 -12.22
C GLY B 38 13.10 7.39 -12.16
N TRP B 39 12.40 6.99 -11.09
CA TRP B 39 11.04 7.47 -10.86
C TRP B 39 11.03 8.99 -10.64
N ALA B 40 11.85 9.47 -9.70
CA ALA B 40 11.89 10.91 -9.41
C ALA B 40 12.32 11.72 -10.62
N GLY B 41 13.19 11.16 -11.47
CA GLY B 41 13.66 11.86 -12.67
C GLY B 41 12.61 12.02 -13.76
N TRP B 42 11.52 11.27 -13.67
CA TRP B 42 10.36 11.39 -14.57
C TRP B 42 10.72 11.48 -16.07
N GLY B 46 14.18 6.39 -18.89
CA GLY B 46 15.04 6.60 -17.74
C GLY B 46 14.56 5.83 -16.51
N PHE B 47 13.29 5.44 -16.54
CA PHE B 47 12.67 4.72 -15.44
C PHE B 47 12.51 3.24 -15.74
N LEU B 48 12.08 2.88 -16.95
CA LEU B 48 11.90 1.48 -17.28
C LEU B 48 13.24 0.74 -17.42
N ALA B 49 14.37 1.45 -17.34
CA ALA B 49 15.68 0.82 -17.46
C ALA B 49 15.96 -0.13 -16.31
N ASN B 50 15.33 0.11 -15.15
CA ASN B 50 15.53 -0.71 -13.96
C ASN B 50 14.51 -1.84 -13.85
N ALA B 51 13.69 -2.05 -14.89
CA ALA B 51 12.67 -3.09 -14.89
C ALA B 51 13.07 -4.20 -15.86
N SER B 52 12.83 -5.44 -15.45
CA SER B 52 13.12 -6.56 -16.33
C SER B 52 12.23 -6.52 -17.56
N GLU B 53 12.65 -7.27 -18.59
CA GLU B 53 11.90 -7.33 -19.83
C GLU B 53 10.57 -8.05 -19.66
N ASP B 54 10.44 -8.90 -18.64
CA ASP B 54 9.21 -9.61 -18.33
C ASP B 54 8.46 -9.04 -17.12
N CYS B 55 8.67 -7.76 -16.79
CA CYS B 55 8.10 -7.18 -15.57
C CYS B 55 6.61 -6.91 -15.73
N THR B 56 5.85 -7.17 -14.67
CA THR B 56 4.42 -6.86 -14.64
C THR B 56 4.12 -5.85 -13.54
N GLN B 57 3.04 -5.09 -13.73
CA GLN B 57 2.55 -4.16 -12.71
C GLN B 57 1.09 -4.49 -12.41
N LYS B 58 0.77 -4.61 -11.12
CA LYS B 58 -0.58 -4.87 -10.67
C LYS B 58 -1.07 -3.68 -9.85
N THR B 59 -2.22 -3.14 -10.21
CA THR B 59 -2.90 -2.12 -9.41
C THR B 59 -3.72 -2.80 -8.32
N LEU B 60 -3.42 -2.50 -7.09
CA LEU B 60 -4.11 -2.91 -5.87
C LEU B 60 -5.13 -1.85 -5.45
N PRO B 61 -6.23 -2.23 -4.78
CA PRO B 61 -6.64 -3.56 -4.29
C PRO B 61 -7.00 -4.58 -5.38
N PHE B 62 -6.93 -5.86 -5.03
CA PHE B 62 -7.38 -6.90 -5.97
C PHE B 62 -8.85 -6.72 -6.31
N SER B 63 -9.61 -6.12 -5.39
CA SER B 63 -11.04 -5.89 -5.58
C SER B 63 -11.34 -4.93 -6.71
N SER B 64 -10.40 -4.04 -7.06
CA SER B 64 -10.64 -3.13 -8.17
C SER B 64 -10.65 -3.83 -9.53
N GLY B 65 -10.19 -5.07 -9.62
CA GLY B 65 -10.31 -5.86 -10.85
C GLY B 65 -9.53 -5.38 -12.06
N VAL B 66 -8.34 -4.83 -11.85
CA VAL B 66 -7.51 -4.30 -12.93
C VAL B 66 -6.58 -5.41 -13.39
N PRO B 67 -6.63 -5.80 -14.65
CA PRO B 67 -5.70 -6.82 -15.16
C PRO B 67 -4.25 -6.37 -15.04
N LEU B 68 -3.33 -7.33 -14.91
CA LEU B 68 -1.91 -7.00 -14.84
C LEU B 68 -1.47 -6.30 -16.12
N ARG B 69 -0.53 -5.37 -15.96
CA ARG B 69 0.07 -4.67 -17.08
C ARG B 69 1.40 -5.33 -17.42
N THR B 70 1.55 -5.71 -18.68
CA THR B 70 2.83 -6.20 -19.19
C THR B 70 3.82 -5.04 -19.34
N ARG B 71 5.09 -5.39 -19.57
CA ARG B 71 6.07 -4.34 -19.89
C ARG B 71 5.66 -3.53 -21.11
N ALA B 72 5.10 -4.20 -22.13
CA ALA B 72 4.66 -3.48 -23.32
C ALA B 72 3.54 -2.50 -23.01
N ASP B 73 2.59 -2.89 -22.13
CA ASP B 73 1.56 -1.95 -21.69
C ASP B 73 2.18 -0.73 -21.03
N THR B 74 3.12 -0.98 -20.12
CA THR B 74 3.76 0.09 -19.36
C THR B 74 4.54 1.02 -20.27
N GLU B 75 5.15 0.50 -21.35
CA GLU B 75 5.90 1.35 -22.27
C GLU B 75 4.99 2.23 -23.10
N LYS B 76 3.71 1.89 -23.20
CA LYS B 76 2.77 2.73 -23.91
C LYS B 76 2.09 3.71 -22.98
N LEU B 77 1.80 3.28 -21.76
CA LEU B 77 1.12 4.16 -20.81
C LEU B 77 2.03 5.25 -20.29
N PHE B 78 3.27 4.89 -19.94
CA PHE B 78 4.16 5.81 -19.23
C PHE B 78 4.49 7.09 -20.02
N PRO B 79 4.89 7.03 -21.29
CA PRO B 79 5.09 8.29 -22.03
C PRO B 79 3.87 9.17 -22.00
N VAL B 80 2.68 8.56 -22.09
CA VAL B 80 1.44 9.34 -22.06
C VAL B 80 1.31 10.06 -20.72
N LEU B 81 1.48 9.31 -19.63
CA LEU B 81 1.53 9.88 -18.28
C LEU B 81 2.51 11.04 -18.21
N MET B 82 3.77 10.78 -18.57
CA MET B 82 4.82 11.79 -18.47
C MET B 82 4.43 13.07 -19.21
N SER B 83 3.81 12.92 -20.38
CA SER B 83 3.53 14.09 -21.21
C SER B 83 2.42 14.96 -20.64
N LEU B 84 1.55 14.40 -19.80
CA LEU B 84 0.50 15.21 -19.19
C LEU B 84 0.90 15.69 -17.79
N MET B 85 2.07 15.29 -17.29
CA MET B 85 2.50 15.60 -15.93
C MET B 85 3.76 16.46 -15.97
N SER B 86 3.59 17.74 -15.67
CA SER B 86 4.70 18.69 -15.59
C SER B 86 5.03 18.99 -14.13
N ASN B 87 6.30 19.35 -13.91
CA ASN B 87 6.83 19.68 -12.60
C ASN B 87 6.58 18.53 -11.61
N PHE B 88 6.76 17.31 -12.10
CA PHE B 88 6.57 16.11 -11.28
C PHE B 88 7.49 16.11 -10.05
N THR B 89 6.94 15.76 -8.90
CA THR B 89 7.70 15.78 -7.65
C THR B 89 7.44 14.51 -6.85
N LEU B 90 8.51 13.85 -6.43
CA LEU B 90 8.48 12.63 -5.64
C LEU B 90 9.02 12.90 -4.24
N ASP B 91 8.26 12.52 -3.22
CA ASP B 91 8.72 12.59 -1.84
C ASP B 91 8.70 11.16 -1.31
N ILE B 92 9.87 10.65 -0.93
CA ILE B 92 9.96 9.29 -0.41
C ILE B 92 9.66 9.34 1.07
N HIS B 93 8.60 8.65 1.48
CA HIS B 93 8.20 8.64 2.89
C HIS B 93 8.79 7.46 3.65
N ASN B 94 8.89 6.29 3.03
CA ASN B 94 9.33 5.08 3.74
C ASN B 94 9.87 4.07 2.73
N VAL B 95 11.02 3.48 3.05
CA VAL B 95 11.59 2.40 2.25
C VAL B 95 11.83 1.21 3.16
N VAL B 96 11.32 0.05 2.76
CA VAL B 96 11.44 -1.19 3.51
C VAL B 96 12.06 -2.22 2.58
N HIS B 97 13.23 -2.75 2.94
CA HIS B 97 13.96 -3.64 2.04
C HIS B 97 14.23 -4.96 2.73
N ASP B 98 13.66 -6.04 2.17
CA ASP B 98 13.83 -7.41 2.67
C ASP B 98 14.76 -8.13 1.69
N ALA B 99 16.07 -8.03 1.94
CA ALA B 99 17.05 -8.62 1.03
C ALA B 99 16.99 -10.15 1.03
N PRO B 100 16.79 -10.81 2.17
CA PRO B 100 16.66 -12.28 2.14
C PRO B 100 15.54 -12.78 1.23
N GLN B 101 14.50 -11.99 0.99
CA GLN B 101 13.40 -12.42 0.13
C GLN B 101 13.44 -11.77 -1.26
N GLY B 102 14.37 -10.87 -1.50
CA GLY B 102 14.38 -10.15 -2.77
C GLY B 102 13.20 -9.24 -2.98
N LYS B 103 12.73 -8.59 -1.92
CA LYS B 103 11.53 -7.76 -1.95
C LYS B 103 11.79 -6.40 -1.32
N ALA B 104 10.98 -5.42 -1.73
CA ALA B 104 11.02 -4.11 -1.10
C ALA B 104 9.64 -3.45 -1.20
N VAL B 105 9.45 -2.41 -0.40
CA VAL B 105 8.25 -1.60 -0.43
C VAL B 105 8.63 -0.14 -0.31
N ILE B 106 7.96 0.71 -1.06
CA ILE B 106 8.15 2.15 -0.96
C ILE B 106 6.82 2.78 -0.71
N TYR B 107 6.76 3.67 0.29
CA TYR B 107 5.62 4.58 0.41
C TYR B 107 6.09 5.95 -0.06
N ALA B 108 5.38 6.52 -1.02
CA ALA B 108 5.80 7.78 -1.63
C ALA B 108 4.58 8.65 -1.93
N LEU B 109 4.79 9.96 -1.93
CA LEU B 109 3.78 10.90 -2.35
C LEU B 109 4.29 11.62 -3.60
N THR B 110 3.36 11.95 -4.50
CA THR B 110 3.71 12.62 -5.74
C THR B 110 2.82 13.83 -5.98
N LYS B 111 3.38 14.75 -6.76
CA LYS B 111 2.72 16.00 -7.14
C LYS B 111 3.10 16.30 -8.58
N ALA B 112 2.15 16.88 -9.32
CA ALA B 112 2.41 17.28 -10.69
C ALA B 112 1.29 18.22 -11.12
N ASP B 113 1.56 18.99 -12.18
CA ASP B 113 0.56 19.82 -12.85
C ASP B 113 0.08 19.10 -14.11
N THR B 114 -1.22 19.14 -14.37
CA THR B 114 -1.79 18.50 -15.54
C THR B 114 -2.87 19.40 -16.13
N PRO B 115 -3.25 19.18 -17.39
CA PRO B 115 -4.36 19.98 -17.95
C PRO B 115 -5.71 19.73 -17.30
N PHE B 116 -5.85 18.71 -16.45
CA PHE B 116 -7.06 18.48 -15.67
C PHE B 116 -7.01 19.15 -14.29
N GLY B 117 -5.96 19.89 -14.00
CA GLY B 117 -5.77 20.46 -12.70
C GLY B 117 -4.58 19.86 -11.96
N PRO B 118 -4.36 20.32 -10.74
CA PRO B 118 -3.27 19.78 -9.95
C PRO B 118 -3.49 18.31 -9.66
N TYR B 119 -2.40 17.55 -9.63
CA TYR B 119 -2.39 16.09 -9.45
C TYR B 119 -1.69 15.81 -8.13
N ARG B 120 -2.30 14.96 -7.31
CA ARG B 120 -1.74 14.50 -6.04
C ARG B 120 -2.03 13.01 -5.92
N ASN B 121 -1.00 12.24 -5.56
CA ASN B 121 -1.20 10.81 -5.41
C ASN B 121 -0.24 10.31 -4.34
N GLU B 122 -0.59 9.18 -3.75
CA GLU B 122 0.30 8.50 -2.82
C GLU B 122 0.34 7.02 -3.17
N HIS B 123 1.48 6.37 -2.91
CA HIS B 123 1.71 5.04 -3.46
C HIS B 123 2.34 4.14 -2.42
N ALA B 124 1.78 2.95 -2.28
CA ALA B 124 2.42 1.86 -1.57
C ALA B 124 2.83 0.88 -2.65
N ILE B 125 4.11 0.87 -3.00
CA ILE B 125 4.56 0.10 -4.15
C ILE B 125 5.40 -1.06 -3.64
N PHE B 126 4.93 -2.28 -3.94
CA PHE B 126 5.63 -3.51 -3.61
C PHE B 126 6.50 -3.94 -4.78
N LEU B 127 7.76 -4.24 -4.52
CA LEU B 127 8.72 -4.61 -5.54
C LEU B 127 9.32 -5.98 -5.27
N TRP B 128 9.55 -6.74 -6.34
CA TRP B 128 10.31 -7.98 -6.30
C TRP B 128 11.50 -7.84 -7.24
N PHE B 129 12.69 -8.24 -6.78
CA PHE B 129 13.88 -8.17 -7.61
C PHE B 129 14.08 -9.50 -8.35
N ASN B 130 14.84 -9.45 -9.44
CA ASN B 130 15.10 -10.68 -10.15
C ASN B 130 16.20 -11.47 -9.44
N GLU B 131 16.63 -12.56 -10.08
CA GLU B 131 17.56 -13.50 -9.45
C GLU B 131 18.93 -12.86 -9.24
N ILE B 132 19.47 -12.20 -10.27
CA ILE B 132 20.75 -11.52 -10.14
C ILE B 132 20.65 -10.36 -9.16
N GLY B 133 19.50 -9.67 -9.18
CA GLY B 133 19.25 -8.53 -8.32
C GLY B 133 19.33 -7.20 -9.01
N ASP B 134 19.69 -7.18 -10.30
CA ASP B 134 19.90 -5.94 -11.04
C ASP B 134 18.63 -5.37 -11.64
N ARG B 135 17.48 -6.06 -11.52
CA ARG B 135 16.24 -5.59 -12.11
C ARG B 135 15.06 -5.81 -11.15
N VAL B 136 14.06 -4.94 -11.27
CA VAL B 136 12.74 -5.17 -10.69
C VAL B 136 11.95 -6.09 -11.63
N GLN B 137 11.42 -7.18 -11.08
CA GLN B 137 10.72 -8.22 -11.82
C GLN B 137 9.20 -8.13 -11.72
N LYS B 138 8.68 -7.57 -10.64
CA LYS B 138 7.24 -7.50 -10.45
C LYS B 138 6.93 -6.30 -9.56
N ILE B 139 5.81 -5.65 -9.84
CA ILE B 139 5.39 -4.45 -9.14
C ILE B 139 3.92 -4.63 -8.77
N GLU B 140 3.58 -4.40 -7.50
CA GLU B 140 2.19 -4.34 -7.07
C GLU B 140 2.00 -3.04 -6.30
N GLU B 141 0.97 -2.29 -6.68
CA GLU B 141 0.90 -0.88 -6.31
C GLU B 141 -0.51 -0.53 -5.85
N MET B 142 -0.66 -0.11 -4.59
CA MET B 142 -1.89 0.48 -4.13
C MET B 142 -1.71 1.98 -4.12
N PHE B 143 -2.71 2.72 -4.58
CA PHE B 143 -2.54 4.16 -4.48
C PHE B 143 -3.76 4.85 -3.88
N ASP B 144 -3.77 6.18 -3.98
CA ASP B 144 -4.83 7.02 -3.44
C ASP B 144 -6.08 6.77 -4.28
N ALA B 145 -6.80 5.71 -3.96
CA ALA B 145 -7.83 5.22 -4.88
C ALA B 145 -8.98 6.21 -5.04
N VAL B 146 -9.31 6.97 -3.98
CA VAL B 146 -10.40 7.94 -4.08
C VAL B 146 -10.03 9.06 -5.04
N VAL B 147 -8.81 9.60 -4.91
CA VAL B 147 -8.38 10.69 -5.78
C VAL B 147 -8.23 10.23 -7.21
N MET B 148 -7.84 8.97 -7.42
CA MET B 148 -7.51 8.47 -8.74
C MET B 148 -8.73 7.99 -9.53
N GLN B 149 -9.86 7.72 -8.87
CA GLN B 149 -11.05 7.36 -9.64
C GLN B 149 -11.63 8.57 -10.34
N GLU B 150 -11.24 9.79 -9.95
CA GLU B 150 -11.45 10.95 -10.81
C GLU B 150 -10.43 11.03 -11.94
N PHE B 151 -9.14 10.91 -11.60
CA PHE B 151 -8.06 11.28 -12.52
C PHE B 151 -7.86 10.24 -13.63
N LEU B 152 -7.75 8.97 -13.27
CA LEU B 152 -7.44 7.97 -14.28
C LEU B 152 -8.51 7.81 -15.36
N PRO B 153 -9.80 7.96 -15.08
CA PRO B 153 -10.77 7.98 -16.19
C PRO B 153 -10.60 9.18 -17.10
N LYS B 154 -10.14 10.33 -16.59
CA LYS B 154 -9.84 11.45 -17.47
C LYS B 154 -8.73 11.09 -18.45
N LEU B 155 -7.69 10.38 -17.97
CA LEU B 155 -6.63 9.95 -18.87
C LEU B 155 -7.14 9.01 -19.95
N ASP B 156 -7.99 8.04 -19.58
CA ASP B 156 -8.51 7.10 -20.57
C ASP B 156 -9.41 7.81 -21.58
N LYS B 157 -10.21 8.78 -21.13
CA LYS B 157 -10.98 9.60 -22.06
C LYS B 157 -10.06 10.40 -22.98
N TYR B 158 -8.97 10.91 -22.42
CA TYR B 158 -7.97 11.63 -23.21
C TYR B 158 -7.46 10.78 -24.36
N VAL B 159 -7.01 9.57 -24.04
CA VAL B 159 -6.45 8.66 -25.04
C VAL B 159 -7.50 8.31 -26.09
N ALA B 160 -8.73 8.05 -25.65
CA ALA B 160 -9.83 7.81 -26.59
C ALA B 160 -10.07 9.04 -27.47
N ASP B 161 -10.21 10.23 -26.86
CA ASP B 161 -10.51 11.42 -27.65
C ASP B 161 -9.43 11.71 -28.70
N ASN B 162 -8.17 11.40 -28.38
CA ASN B 162 -7.09 11.67 -29.31
C ASN B 162 -6.71 10.47 -30.18
N LYS B 163 -7.47 9.38 -30.09
CA LYS B 163 -7.28 8.20 -30.93
C LYS B 163 -5.87 7.63 -30.81
N MET B 164 -5.32 7.65 -29.60
CA MET B 164 -3.96 7.16 -29.41
C MET B 164 -3.86 5.63 -29.33
N GLN B 165 -4.99 4.92 -29.23
CA GLN B 165 -5.07 3.45 -29.27
C GLN B 165 -3.85 2.73 -28.68
N LEU B 166 -3.65 2.82 -27.37
CA LEU B 166 -2.50 2.19 -26.74
C LEU B 166 -2.70 0.70 -26.46
N GLY B 167 -3.93 0.19 -26.55
CA GLY B 167 -4.21 -1.18 -26.19
C GLY B 167 -4.11 -1.38 -24.69
N ALA B 168 -4.01 -0.26 -23.97
CA ALA B 168 -3.85 -0.27 -22.53
C ALA B 168 -4.62 0.90 -21.95
N LYS B 169 -5.13 0.71 -20.74
CA LYS B 169 -5.90 1.72 -20.04
C LYS B 169 -5.27 2.04 -18.68
N PHE B 170 -5.53 3.25 -18.21
CA PHE B 170 -5.10 3.68 -16.89
C PHE B 170 -6.07 3.24 -15.79
N SER B 171 -7.36 3.11 -16.12
CA SER B 171 -8.38 2.57 -15.22
C SER B 171 -9.73 2.52 -15.92
#